data_3CE0
#
_entry.id   3CE0
#
_cell.length_a   56.060
_cell.length_b   56.720
_cell.length_c   57.040
_cell.angle_alpha   90.000
_cell.angle_beta   112.510
_cell.angle_gamma   90.000
#
_symmetry.space_group_name_H-M   'P 1 21 1'
#
loop_
_entity.id
_entity.type
_entity.pdbx_description
1 polymer 'Poly [ADP-ribose] polymerase 3'
2 non-polymer N~2~,N~2~-DIMETHYL-N~1~-(6-OXO-5,6-DIHYDROPHENANTHRIDIN-2-YL)GLYCINAMIDE
#
_entity_poly.entity_id   1
_entity_poly.type   'polypeptide(L)'
_entity_poly.pdbx_seq_one_letter_code
;SMKRVQPCSLDPATQKLITNIFSKEMFKNTMALMDLDVKKMPLGKLSKQQIARGFEALEALEEALKGPTDGGQSLEELSS
HFYTVIPHNFGHSQPPPINSPELLQAKKDMLLVLADIELAQALQAVSEQEKTVEEVPHPLDRDYQLLKCQLQLLDSGAPE
YKVIQTYLEQTGSNHRCPTLQHIWKVNQEGEEDRFQAHSKLGNRKLLWHGTNMAVVAAILTSGLRIMPHSGGRVGKGIYF
ASENSKSAGYVIGMKCGAHHVGYMFLGEVALGREHHINTDNPSLKSPPPGFDSVIARGHTEPDPTQDTELELDGQQVVVP
QGQPVPCPEFSSSTFSQSEYLIYQESQCRLRYLLEVH
;
_entity_poly.pdbx_strand_id   A
#
# COMPACT_ATOMS: atom_id res chain seq x y z
N LYS A 3 -27.13 -9.11 -25.13
CA LYS A 3 -27.10 -9.24 -23.67
C LYS A 3 -27.50 -7.94 -22.99
N ARG A 4 -28.34 -8.04 -21.96
CA ARG A 4 -28.77 -6.87 -21.21
C ARG A 4 -27.73 -6.48 -20.18
N VAL A 5 -27.44 -5.19 -20.09
CA VAL A 5 -26.54 -4.67 -19.07
C VAL A 5 -27.35 -4.14 -17.90
N GLN A 6 -27.28 -4.84 -16.78
CA GLN A 6 -28.04 -4.47 -15.60
C GLN A 6 -27.57 -3.13 -15.03
N PRO A 7 -28.51 -2.35 -14.48
CA PRO A 7 -28.20 -1.04 -13.89
C PRO A 7 -27.20 -1.16 -12.74
N CYS A 8 -26.36 -0.15 -12.55
CA CYS A 8 -25.37 -0.17 -11.49
C CYS A 8 -26.03 0.04 -10.12
N SER A 9 -25.59 -0.73 -9.14
CA SER A 9 -26.14 -0.65 -7.79
C SER A 9 -25.20 0.10 -6.86
N LEU A 10 -24.18 0.73 -7.43
CA LEU A 10 -23.19 1.45 -6.63
C LEU A 10 -23.53 2.93 -6.55
N ASP A 11 -23.16 3.55 -5.44
CA ASP A 11 -23.34 4.98 -5.26
C ASP A 11 -22.24 5.75 -5.98
N PRO A 12 -22.47 7.03 -6.25
CA PRO A 12 -21.52 7.89 -6.98
C PRO A 12 -20.09 7.75 -6.46
N ALA A 13 -19.91 7.84 -5.14
CA ALA A 13 -18.57 7.78 -4.56
C ALA A 13 -17.89 6.45 -4.85
N THR A 14 -18.60 5.36 -4.63
CA THR A 14 -18.05 4.02 -4.84
C THR A 14 -17.87 3.72 -6.34
N GLN A 15 -18.73 4.32 -7.17
CA GLN A 15 -18.57 4.22 -8.61
C GLN A 15 -17.26 4.90 -9.03
N LYS A 16 -17.06 6.11 -8.52
CA LYS A 16 -15.86 6.87 -8.83
C LYS A 16 -14.61 6.12 -8.39
N LEU A 17 -14.64 5.60 -7.17
CA LEU A 17 -13.53 4.82 -6.64
C LEU A 17 -13.17 3.66 -7.56
N ILE A 18 -14.14 2.78 -7.80
CA ILE A 18 -13.92 1.58 -8.60
C ILE A 18 -13.44 1.91 -10.01
N THR A 19 -13.82 3.08 -10.50
CA THR A 19 -13.37 3.53 -11.81
C THR A 19 -11.89 3.89 -11.76
N ASN A 20 -11.49 4.66 -10.76
CA ASN A 20 -10.10 5.08 -10.61
C ASN A 20 -9.13 3.93 -10.44
N ILE A 21 -9.45 3.01 -9.54
CA ILE A 21 -8.52 1.94 -9.17
C ILE A 21 -8.38 0.86 -10.24
N PHE A 22 -9.27 0.85 -11.22
CA PHE A 22 -9.16 -0.09 -12.33
C PHE A 22 -8.86 0.63 -13.65
N SER A 23 -8.71 1.95 -13.57
CA SER A 23 -8.46 2.78 -14.75
C SER A 23 -7.17 2.38 -15.45
N LYS A 24 -7.28 2.00 -16.72
CA LYS A 24 -6.12 1.62 -17.52
C LYS A 24 -5.21 2.82 -17.74
N GLU A 25 -5.79 4.01 -17.77
CA GLU A 25 -5.02 5.24 -17.95
C GLU A 25 -4.21 5.51 -16.69
N MET A 26 -4.80 5.21 -15.54
CA MET A 26 -4.14 5.37 -14.26
C MET A 26 -2.95 4.42 -14.16
N PHE A 27 -3.10 3.22 -14.71
CA PHE A 27 -2.02 2.25 -14.71
C PHE A 27 -0.89 2.66 -15.65
N LYS A 28 -1.24 3.08 -16.86
CA LYS A 28 -0.23 3.51 -17.81
C LYS A 28 0.53 4.71 -17.26
N ASN A 29 -0.18 5.62 -16.61
CA ASN A 29 0.44 6.78 -15.97
C ASN A 29 1.47 6.35 -14.94
N THR A 30 1.11 5.36 -14.13
CA THR A 30 2.03 4.85 -13.11
C THR A 30 3.28 4.24 -13.77
N MET A 31 3.07 3.49 -14.84
CA MET A 31 4.19 2.86 -15.56
C MET A 31 5.08 3.92 -16.20
N ALA A 32 4.46 5.02 -16.64
CA ALA A 32 5.20 6.12 -17.23
C ALA A 32 5.97 6.89 -16.17
N LEU A 33 5.38 7.01 -14.98
CA LEU A 33 6.03 7.69 -13.87
C LEU A 33 7.23 6.89 -13.37
N MET A 34 7.29 5.61 -13.75
CA MET A 34 8.41 4.76 -13.36
C MET A 34 9.37 4.54 -14.51
N ASP A 35 9.26 5.38 -15.53
CA ASP A 35 10.19 5.37 -16.66
C ASP A 35 10.11 4.08 -17.47
N LEU A 36 8.93 3.47 -17.48
CA LEU A 36 8.75 2.21 -18.20
C LEU A 36 8.16 2.44 -19.59
N ASP A 37 8.71 1.73 -20.58
CA ASP A 37 8.24 1.85 -21.95
C ASP A 37 6.85 1.24 -22.09
N VAL A 38 5.84 2.11 -22.13
CA VAL A 38 4.44 1.67 -22.18
C VAL A 38 4.09 1.04 -23.52
N LYS A 39 4.86 1.40 -24.56
CA LYS A 39 4.61 0.86 -25.89
C LYS A 39 5.24 -0.53 -26.07
N LYS A 40 6.41 -0.73 -25.49
CA LYS A 40 7.07 -2.02 -25.54
C LYS A 40 6.49 -2.96 -24.48
N MET A 41 5.83 -2.38 -23.48
CA MET A 41 5.17 -3.16 -22.43
C MET A 41 3.73 -2.70 -22.22
N PRO A 42 2.84 -3.03 -23.16
CA PRO A 42 1.42 -2.68 -23.03
C PRO A 42 0.80 -3.34 -21.79
N LEU A 43 -0.28 -2.77 -21.30
CA LEU A 43 -0.97 -3.31 -20.12
C LEU A 43 -1.40 -4.75 -20.35
N GLY A 44 -1.88 -5.05 -21.56
CA GLY A 44 -2.35 -6.37 -21.89
C GLY A 44 -1.24 -7.38 -22.11
N LYS A 45 0.00 -6.91 -22.05
CA LYS A 45 1.16 -7.77 -22.28
C LYS A 45 1.81 -8.21 -20.96
N LEU A 46 1.51 -7.48 -19.89
CA LEU A 46 2.05 -7.82 -18.58
C LEU A 46 1.83 -9.27 -18.23
N SER A 47 2.90 -9.94 -17.80
CA SER A 47 2.84 -11.35 -17.45
C SER A 47 3.64 -11.63 -16.19
N LYS A 48 3.15 -12.55 -15.37
CA LYS A 48 3.85 -12.95 -14.15
C LYS A 48 5.22 -13.50 -14.52
N GLN A 49 5.31 -14.08 -15.71
CA GLN A 49 6.56 -14.65 -16.21
C GLN A 49 7.60 -13.56 -16.42
N GLN A 50 7.20 -12.48 -17.08
CA GLN A 50 8.10 -11.37 -17.36
C GLN A 50 8.60 -10.72 -16.07
N ILE A 51 7.68 -10.50 -15.14
CA ILE A 51 8.01 -9.90 -13.85
C ILE A 51 8.97 -10.78 -13.06
N ALA A 52 8.81 -12.09 -13.19
CA ALA A 52 9.70 -13.03 -12.51
C ALA A 52 11.10 -12.98 -13.13
N ARG A 53 11.15 -12.95 -14.46
CA ARG A 53 12.43 -12.84 -15.16
C ARG A 53 13.13 -11.55 -14.76
N GLY A 54 12.35 -10.53 -14.44
CA GLY A 54 12.88 -9.27 -13.99
C GLY A 54 13.54 -9.39 -12.63
N PHE A 55 12.85 -10.05 -11.69
CA PHE A 55 13.40 -10.25 -10.36
C PHE A 55 14.65 -11.13 -10.40
N GLU A 56 14.63 -12.13 -11.28
CA GLU A 56 15.80 -12.98 -11.47
C GLU A 56 17.00 -12.15 -11.86
N ALA A 57 16.79 -11.19 -12.75
CA ALA A 57 17.85 -10.29 -13.20
C ALA A 57 18.32 -9.39 -12.06
N LEU A 58 17.38 -9.02 -11.19
CA LEU A 58 17.69 -8.17 -10.05
C LEU A 58 18.48 -8.93 -9.00
N GLU A 59 18.15 -10.21 -8.83
CA GLU A 59 18.84 -11.05 -7.87
C GLU A 59 20.29 -11.29 -8.29
N ALA A 60 20.47 -11.78 -9.50
CA ALA A 60 21.80 -12.03 -10.03
C ALA A 60 22.64 -10.76 -9.98
N LEU A 61 21.97 -9.62 -10.13
CA LEU A 61 22.63 -8.32 -10.06
C LEU A 61 22.98 -8.00 -8.60
N GLU A 62 22.09 -8.36 -7.70
CA GLU A 62 22.32 -8.19 -6.27
C GLU A 62 23.49 -9.05 -5.82
N GLU A 63 23.61 -10.24 -6.41
CA GLU A 63 24.71 -11.15 -6.11
C GLU A 63 26.03 -10.53 -6.52
N ALA A 64 26.01 -9.76 -7.61
CA ALA A 64 27.21 -9.12 -8.14
C ALA A 64 27.54 -7.83 -7.40
N LEU A 65 26.71 -7.48 -6.43
CA LEU A 65 26.94 -6.28 -5.64
C LEU A 65 27.47 -6.62 -4.25
N LYS A 66 27.26 -7.86 -3.83
CA LYS A 66 27.71 -8.33 -2.53
C LYS A 66 29.14 -8.90 -2.62
N ASP A 70 36.04 -13.47 -8.50
CA ASP A 70 34.71 -13.91 -8.90
C ASP A 70 34.69 -14.33 -10.37
N GLY A 71 34.86 -13.37 -11.27
CA GLY A 71 34.88 -13.63 -12.69
C GLY A 71 33.49 -13.80 -13.28
N GLY A 72 32.52 -13.12 -12.69
CA GLY A 72 31.14 -13.20 -13.15
C GLY A 72 30.86 -12.25 -14.31
N GLN A 73 29.73 -11.55 -14.24
CA GLN A 73 29.34 -10.60 -15.28
C GLN A 73 29.32 -9.18 -14.72
N SER A 74 29.88 -8.24 -15.49
CA SER A 74 29.98 -6.85 -15.06
C SER A 74 28.61 -6.23 -14.78
N LEU A 75 28.59 -5.23 -13.91
CA LEU A 75 27.35 -4.54 -13.56
C LEU A 75 26.71 -3.89 -14.78
N GLU A 76 27.55 -3.32 -15.64
CA GLU A 76 27.07 -2.68 -16.86
C GLU A 76 26.40 -3.68 -17.77
N GLU A 77 26.91 -4.91 -17.77
CA GLU A 77 26.37 -5.96 -18.63
C GLU A 77 25.09 -6.57 -18.04
N LEU A 78 25.09 -6.77 -16.73
CA LEU A 78 23.93 -7.33 -16.05
C LEU A 78 22.75 -6.36 -16.07
N SER A 79 23.03 -5.07 -15.89
CA SER A 79 22.01 -4.05 -15.94
C SER A 79 21.35 -4.02 -17.32
N SER A 80 22.18 -4.13 -18.36
CA SER A 80 21.69 -4.10 -19.73
C SER A 80 20.68 -5.21 -20.01
N HIS A 81 20.75 -6.28 -19.22
CA HIS A 81 19.85 -7.41 -19.40
C HIS A 81 18.51 -7.18 -18.71
N PHE A 82 18.55 -6.50 -17.57
CA PHE A 82 17.32 -6.16 -16.86
C PHE A 82 16.44 -5.25 -17.71
N TYR A 83 17.08 -4.35 -18.46
CA TYR A 83 16.35 -3.43 -19.32
C TYR A 83 15.89 -4.12 -20.61
N THR A 84 16.42 -5.31 -20.86
CA THR A 84 16.00 -6.11 -22.00
C THR A 84 14.71 -6.84 -21.65
N VAL A 85 14.60 -7.24 -20.38
CA VAL A 85 13.41 -7.93 -19.88
C VAL A 85 12.32 -6.93 -19.50
N ILE A 86 12.73 -5.82 -18.90
CA ILE A 86 11.79 -4.78 -18.50
C ILE A 86 12.10 -3.46 -19.20
N PRO A 87 11.59 -3.30 -20.43
CA PRO A 87 11.86 -2.14 -21.31
C PRO A 87 11.60 -0.81 -20.62
N HIS A 88 12.64 0.03 -20.54
CA HIS A 88 12.52 1.36 -19.96
C HIS A 88 12.51 2.44 -21.03
N ASN A 89 11.98 3.61 -20.67
CA ASN A 89 11.96 4.75 -21.58
C ASN A 89 12.79 5.91 -21.03
N PHE A 90 13.87 6.24 -21.71
CA PHE A 90 14.75 7.31 -21.29
C PHE A 90 15.11 8.22 -22.45
N GLY A 91 14.11 8.63 -23.23
CA GLY A 91 14.33 9.46 -24.40
C GLY A 91 15.24 8.79 -25.40
N HIS A 92 15.27 7.46 -25.36
CA HIS A 92 16.09 6.67 -26.27
C HIS A 92 17.59 6.89 -26.03
N SER A 93 17.96 7.04 -24.76
CA SER A 93 19.37 7.18 -24.38
C SER A 93 19.84 5.93 -23.66
N GLN A 94 21.12 5.90 -23.29
CA GLN A 94 21.69 4.75 -22.61
C GLN A 94 21.26 4.69 -21.15
N PRO A 95 20.51 3.64 -20.79
CA PRO A 95 19.98 3.45 -19.43
C PRO A 95 21.07 3.46 -18.36
N PRO A 96 20.71 3.83 -17.12
CA PRO A 96 21.64 3.90 -15.99
C PRO A 96 22.02 2.51 -15.48
N PRO A 97 23.31 2.32 -15.14
CA PRO A 97 23.79 1.06 -14.56
C PRO A 97 23.35 0.91 -13.11
N ILE A 98 22.65 -0.17 -12.80
CA ILE A 98 22.25 -0.44 -11.43
C ILE A 98 23.46 -0.86 -10.60
N ASN A 99 24.22 0.12 -10.15
CA ASN A 99 25.50 -0.14 -9.47
C ASN A 99 25.49 0.24 -7.99
N SER A 100 24.30 0.52 -7.46
CA SER A 100 24.17 0.87 -6.05
C SER A 100 23.06 0.08 -5.38
N PRO A 101 23.20 -0.19 -4.07
CA PRO A 101 22.16 -0.90 -3.34
C PRO A 101 20.87 -0.08 -3.28
N GLU A 102 21.02 1.24 -3.34
CA GLU A 102 19.86 2.14 -3.32
C GLU A 102 19.06 1.99 -4.62
N LEU A 103 19.77 1.95 -5.75
CA LEU A 103 19.13 1.82 -7.05
C LEU A 103 18.57 0.42 -7.23
N LEU A 104 19.23 -0.55 -6.60
CA LEU A 104 18.80 -1.94 -6.68
C LEU A 104 17.40 -2.11 -6.09
N GLN A 105 17.23 -1.64 -4.86
CA GLN A 105 15.95 -1.74 -4.17
C GLN A 105 14.89 -0.89 -4.87
N ALA A 106 15.34 0.17 -5.55
CA ALA A 106 14.44 1.04 -6.28
C ALA A 106 13.75 0.28 -7.41
N LYS A 107 14.50 -0.57 -8.10
CA LYS A 107 13.96 -1.37 -9.18
C LYS A 107 13.07 -2.48 -8.65
N LYS A 108 13.41 -3.01 -7.48
CA LYS A 108 12.60 -4.03 -6.84
C LYS A 108 11.24 -3.46 -6.44
N ASP A 109 11.26 -2.27 -5.87
CA ASP A 109 10.03 -1.59 -5.49
C ASP A 109 9.19 -1.28 -6.72
N MET A 110 9.86 -0.95 -7.82
CA MET A 110 9.18 -0.64 -9.07
C MET A 110 8.50 -1.87 -9.66
N LEU A 111 9.19 -3.01 -9.62
CA LEU A 111 8.63 -4.27 -10.10
C LEU A 111 7.48 -4.76 -9.24
N LEU A 112 7.57 -4.50 -7.94
CA LEU A 112 6.52 -4.91 -7.01
C LEU A 112 5.22 -4.17 -7.31
N VAL A 113 5.34 -2.88 -7.62
CA VAL A 113 4.17 -2.08 -8.00
C VAL A 113 3.63 -2.57 -9.33
N LEU A 114 4.54 -2.84 -10.26
CA LEU A 114 4.16 -3.35 -11.57
C LEU A 114 3.49 -4.71 -11.41
N ALA A 115 3.92 -5.44 -10.39
CA ALA A 115 3.36 -6.76 -10.11
C ALA A 115 1.89 -6.67 -9.71
N ASP A 116 1.54 -5.60 -9.01
CA ASP A 116 0.16 -5.39 -8.57
C ASP A 116 -0.70 -4.84 -9.70
N ILE A 117 -0.04 -4.27 -10.70
CA ILE A 117 -0.75 -3.81 -11.89
C ILE A 117 -1.19 -5.03 -12.69
N GLU A 118 -0.32 -6.03 -12.73
CA GLU A 118 -0.62 -7.26 -13.45
C GLU A 118 -1.72 -8.03 -12.72
N LEU A 119 -1.68 -8.00 -11.40
CA LEU A 119 -2.70 -8.65 -10.58
C LEU A 119 -4.09 -8.13 -10.93
N ALA A 120 -4.20 -6.82 -11.09
CA ALA A 120 -5.46 -6.18 -11.43
C ALA A 120 -5.90 -6.60 -12.84
N GLN A 121 -4.96 -6.69 -13.76
CA GLN A 121 -5.25 -7.08 -15.13
C GLN A 121 -5.72 -8.53 -15.19
N ALA A 122 -4.94 -9.42 -14.60
CA ALA A 122 -5.29 -10.83 -14.55
C ALA A 122 -6.64 -11.02 -13.86
N LEU A 123 -6.92 -10.14 -12.91
CA LEU A 123 -8.17 -10.21 -12.15
C LEU A 123 -9.38 -9.89 -13.04
N GLN A 124 -9.21 -8.93 -13.95
CA GLN A 124 -10.29 -8.51 -14.82
C GLN A 124 -10.57 -9.49 -15.95
N ALA A 125 -9.76 -10.54 -16.05
CA ALA A 125 -9.92 -11.54 -17.09
C ALA A 125 -11.34 -12.10 -17.12
N VAL A 126 -11.96 -12.06 -18.30
CA VAL A 126 -13.33 -12.52 -18.46
C VAL A 126 -13.40 -14.03 -18.48
N SER A 127 -14.07 -14.60 -17.47
CA SER A 127 -14.22 -16.05 -17.37
C SER A 127 -15.42 -16.54 -18.19
N GLU A 128 -15.40 -17.83 -18.52
CA GLU A 128 -16.44 -18.42 -19.35
C GLU A 128 -17.82 -18.34 -18.72
N GLN A 129 -17.86 -18.35 -17.39
CA GLN A 129 -19.12 -18.25 -16.67
C GLN A 129 -19.87 -16.98 -17.06
N GLU A 130 -19.12 -15.90 -17.28
CA GLU A 130 -19.70 -14.61 -17.62
C GLU A 130 -20.14 -14.58 -19.08
N LYS A 131 -19.43 -15.32 -19.94
CA LYS A 131 -19.69 -15.31 -21.36
C LYS A 131 -20.90 -16.16 -21.72
N THR A 132 -21.35 -16.99 -20.78
CA THR A 132 -22.49 -17.87 -21.01
C THR A 132 -23.73 -17.41 -20.25
N VAL A 133 -23.76 -16.12 -19.91
CA VAL A 133 -24.91 -15.55 -19.23
C VAL A 133 -25.55 -14.46 -20.11
N GLU A 134 -26.87 -14.46 -20.18
CA GLU A 134 -27.59 -13.53 -21.05
C GLU A 134 -27.55 -12.09 -20.53
N GLU A 135 -27.31 -11.94 -19.24
CA GLU A 135 -27.27 -10.61 -18.63
C GLU A 135 -25.96 -10.37 -17.90
N VAL A 136 -25.37 -9.21 -18.14
CA VAL A 136 -24.12 -8.84 -17.47
C VAL A 136 -24.34 -7.69 -16.49
N PRO A 137 -23.56 -7.66 -15.41
CA PRO A 137 -23.67 -6.56 -14.45
C PRO A 137 -23.10 -5.30 -15.05
N HIS A 138 -23.46 -4.15 -14.49
CA HIS A 138 -22.82 -2.90 -14.91
C HIS A 138 -21.32 -3.04 -14.70
N PRO A 139 -20.52 -2.59 -15.68
CA PRO A 139 -19.06 -2.77 -15.64
C PRO A 139 -18.47 -2.51 -14.25
N LEU A 140 -19.01 -1.52 -13.55
CA LEU A 140 -18.51 -1.16 -12.23
C LEU A 140 -18.85 -2.20 -11.17
N ASP A 141 -20.09 -2.69 -11.22
CA ASP A 141 -20.51 -3.77 -10.33
C ASP A 141 -19.59 -4.97 -10.50
N ARG A 142 -19.33 -5.33 -11.75
CA ARG A 142 -18.46 -6.45 -12.06
C ARG A 142 -17.09 -6.27 -11.42
N ASP A 143 -16.45 -5.13 -11.69
CA ASP A 143 -15.15 -4.82 -11.11
C ASP A 143 -15.19 -4.85 -9.59
N TYR A 144 -16.25 -4.27 -9.03
CA TYR A 144 -16.43 -4.26 -7.59
C TYR A 144 -16.52 -5.67 -7.02
N GLN A 145 -17.16 -6.56 -7.78
CA GLN A 145 -17.33 -7.94 -7.35
C GLN A 145 -16.04 -8.74 -7.50
N LEU A 146 -15.17 -8.28 -8.40
CA LEU A 146 -13.89 -8.95 -8.63
C LEU A 146 -12.96 -8.78 -7.44
N LEU A 147 -13.19 -7.73 -6.67
CA LEU A 147 -12.37 -7.45 -5.49
C LEU A 147 -12.71 -8.42 -4.36
N LYS A 148 -13.92 -8.98 -4.41
CA LYS A 148 -14.41 -9.84 -3.34
C LYS A 148 -14.17 -9.19 -1.99
N CYS A 149 -14.38 -7.88 -1.95
CA CYS A 149 -14.19 -7.10 -0.74
C CYS A 149 -15.37 -6.14 -0.55
N GLN A 150 -15.90 -6.09 0.66
CA GLN A 150 -17.06 -5.25 0.94
C GLN A 150 -16.66 -3.80 1.21
N LEU A 151 -17.30 -2.86 0.52
CA LEU A 151 -17.02 -1.45 0.71
C LEU A 151 -18.28 -0.66 1.07
N GLN A 152 -18.46 -0.41 2.37
CA GLN A 152 -19.60 0.36 2.83
C GLN A 152 -19.20 1.81 3.09
N LEU A 153 -19.78 2.72 2.30
CA LEU A 153 -19.47 4.14 2.42
C LEU A 153 -20.06 4.74 3.69
N LEU A 154 -19.21 5.38 4.48
CA LEU A 154 -19.64 6.01 5.72
C LEU A 154 -20.22 7.41 5.48
N ASP A 155 -20.95 7.92 6.47
CA ASP A 155 -21.52 9.26 6.39
C ASP A 155 -21.06 10.09 7.58
N SER A 156 -21.52 11.34 7.64
CA SER A 156 -21.16 12.23 8.73
C SER A 156 -21.69 11.70 10.06
N GLY A 157 -22.88 11.10 10.02
CA GLY A 157 -23.52 10.58 11.21
C GLY A 157 -22.90 9.29 11.71
N ALA A 158 -21.87 8.82 11.01
CA ALA A 158 -21.17 7.61 11.40
C ALA A 158 -20.38 7.82 12.68
N PRO A 159 -20.43 6.85 13.61
CA PRO A 159 -19.75 6.94 14.90
C PRO A 159 -18.24 7.12 14.76
N GLU A 160 -17.62 6.32 13.91
CA GLU A 160 -16.16 6.36 13.75
C GLU A 160 -15.71 7.37 12.71
N TYR A 161 -16.64 8.04 12.05
CA TYR A 161 -16.31 9.03 11.04
C TYR A 161 -15.50 10.17 11.65
N LYS A 162 -16.01 10.74 12.74
CA LYS A 162 -15.37 11.88 13.38
C LYS A 162 -14.00 11.51 13.96
N VAL A 163 -13.92 10.32 14.53
CA VAL A 163 -12.66 9.82 15.06
C VAL A 163 -11.60 9.76 13.96
N ILE A 164 -12.00 9.29 12.79
CA ILE A 164 -11.09 9.21 11.65
C ILE A 164 -10.75 10.58 11.11
N GLN A 165 -11.73 11.47 11.08
CA GLN A 165 -11.53 12.83 10.57
C GLN A 165 -10.58 13.61 11.47
N THR A 166 -10.76 13.46 12.78
CA THR A 166 -9.88 14.09 13.75
C THR A 166 -8.48 13.49 13.66
N TYR A 167 -8.44 12.17 13.58
CA TYR A 167 -7.18 11.44 13.41
C TYR A 167 -6.44 11.97 12.18
N LEU A 168 -7.19 12.36 11.16
CA LEU A 168 -6.62 12.83 9.90
C LEU A 168 -6.05 14.25 10.01
N GLU A 169 -6.84 15.15 10.57
CA GLU A 169 -6.48 16.56 10.63
C GLU A 169 -5.42 16.87 11.68
N GLN A 170 -5.33 16.03 12.70
CA GLN A 170 -4.39 16.27 13.78
C GLN A 170 -2.99 15.73 13.49
N THR A 171 -2.90 14.78 12.56
CA THR A 171 -1.61 14.17 12.22
C THR A 171 -1.18 14.50 10.79
N GLY A 172 -1.99 15.29 10.09
CA GLY A 172 -1.66 15.72 8.75
C GLY A 172 -0.78 16.95 8.77
N SER A 173 -0.20 17.28 7.61
CA SER A 173 0.64 18.47 7.51
C SER A 173 -0.20 19.73 7.71
N ASN A 174 0.19 20.54 8.69
CA ASN A 174 -0.58 21.72 9.05
C ASN A 174 -0.82 22.70 7.90
N HIS A 175 0.05 22.69 6.90
CA HIS A 175 -0.09 23.59 5.76
C HIS A 175 -0.71 22.89 4.56
N ARG A 176 0.01 21.91 4.01
CA ARG A 176 -0.49 21.13 2.88
C ARG A 176 -1.58 20.16 3.34
N CYS A 177 -2.65 20.72 3.89
CA CYS A 177 -3.72 19.92 4.47
C CYS A 177 -4.41 19.00 3.46
N PRO A 178 -4.44 17.69 3.76
CA PRO A 178 -5.17 16.71 2.94
C PRO A 178 -6.66 16.77 3.27
N THR A 179 -7.48 16.92 2.24
CA THR A 179 -8.92 17.10 2.43
C THR A 179 -9.69 15.78 2.32
N LEU A 180 -10.36 15.42 3.41
CA LEU A 180 -11.17 14.21 3.43
C LEU A 180 -12.41 14.36 2.55
N GLN A 181 -12.62 13.41 1.66
CA GLN A 181 -13.78 13.44 0.77
C GLN A 181 -14.74 12.31 1.12
N HIS A 182 -14.22 11.10 1.19
CA HIS A 182 -15.04 9.93 1.51
C HIS A 182 -14.30 8.96 2.41
N ILE A 183 -15.05 8.15 3.13
CA ILE A 183 -14.50 7.08 3.95
C ILE A 183 -15.31 5.79 3.74
N TRP A 184 -14.62 4.75 3.32
CA TRP A 184 -15.26 3.45 3.12
C TRP A 184 -14.90 2.50 4.25
N LYS A 185 -15.88 1.74 4.72
CA LYS A 185 -15.62 0.69 5.69
C LYS A 185 -15.21 -0.58 4.94
N VAL A 186 -13.97 -0.99 5.12
CA VAL A 186 -13.41 -2.11 4.37
C VAL A 186 -13.59 -3.44 5.10
N ASN A 187 -14.40 -4.32 4.51
CA ASN A 187 -14.62 -5.65 5.06
C ASN A 187 -14.09 -6.71 4.10
N GLN A 188 -12.77 -6.77 3.97
CA GLN A 188 -12.13 -7.79 3.14
C GLN A 188 -12.42 -9.17 3.71
N GLU A 189 -13.32 -9.90 3.06
CA GLU A 189 -13.68 -11.23 3.51
C GLU A 189 -12.52 -12.20 3.32
N GLY A 190 -12.12 -12.86 4.40
CA GLY A 190 -10.96 -13.72 4.40
C GLY A 190 -9.88 -13.17 5.30
N GLU A 191 -10.12 -11.97 5.83
CA GLU A 191 -9.17 -11.34 6.74
C GLU A 191 -9.61 -11.46 8.20
N GLU A 192 -10.89 -11.76 8.42
CA GLU A 192 -11.40 -11.93 9.78
C GLU A 192 -10.93 -13.25 10.37
N ASP A 193 -11.15 -14.33 9.63
CA ASP A 193 -10.77 -15.67 10.09
C ASP A 193 -9.32 -15.73 10.58
N ARG A 194 -8.39 -15.25 9.75
CA ARG A 194 -6.97 -15.30 10.09
C ARG A 194 -6.61 -14.30 11.19
N PHE A 195 -7.37 -13.21 11.26
CA PHE A 195 -7.10 -12.16 12.24
C PHE A 195 -7.56 -12.59 13.64
N GLN A 196 -8.40 -13.62 13.69
CA GLN A 196 -8.89 -14.14 14.97
C GLN A 196 -7.79 -14.87 15.73
N ALA A 197 -6.69 -15.14 15.04
CA ALA A 197 -5.53 -15.78 15.66
C ALA A 197 -4.95 -14.87 16.73
N HIS A 198 -4.78 -13.60 16.39
CA HIS A 198 -4.19 -12.63 17.31
C HIS A 198 -5.25 -11.94 18.15
N SER A 199 -6.41 -12.58 18.29
CA SER A 199 -7.49 -12.03 19.10
C SER A 199 -7.12 -12.02 20.58
N LYS A 200 -6.23 -12.93 20.96
CA LYS A 200 -5.74 -12.98 22.33
C LYS A 200 -4.64 -11.95 22.55
N LEU A 201 -4.17 -11.36 21.46
CA LEU A 201 -3.11 -10.36 21.52
C LEU A 201 -3.69 -8.95 21.60
N GLY A 202 -3.40 -8.26 22.70
CA GLY A 202 -3.89 -6.91 22.91
C GLY A 202 -3.05 -5.86 22.23
N ASN A 203 -3.09 -4.65 22.76
CA ASN A 203 -2.36 -3.52 22.19
C ASN A 203 -2.65 -3.35 20.70
N ARG A 204 -3.83 -2.83 20.39
CA ARG A 204 -4.26 -2.63 19.01
C ARG A 204 -4.32 -1.16 18.68
N LYS A 205 -3.83 -0.79 17.50
CA LYS A 205 -3.85 0.61 17.08
C LYS A 205 -4.25 0.76 15.61
N LEU A 206 -5.16 1.68 15.34
CA LEU A 206 -5.56 2.00 13.99
C LEU A 206 -4.49 2.88 13.36
N LEU A 207 -3.74 2.32 12.41
CA LEU A 207 -2.60 3.05 11.84
C LEU A 207 -2.78 3.38 10.36
N TRP A 208 -2.02 4.35 9.89
CA TRP A 208 -2.11 4.80 8.51
C TRP A 208 -1.22 3.98 7.59
N HIS A 209 -1.65 3.85 6.34
CA HIS A 209 -0.83 3.26 5.30
C HIS A 209 -1.10 3.96 3.97
N GLY A 210 -0.19 4.84 3.59
CA GLY A 210 -0.30 5.56 2.33
C GLY A 210 0.14 4.72 1.16
N THR A 211 -0.72 4.59 0.16
CA THR A 211 -0.43 3.77 -1.00
C THR A 211 -0.70 4.53 -2.28
N ASN A 212 0.02 4.19 -3.35
CA ASN A 212 -0.26 4.79 -4.64
C ASN A 212 -1.37 4.04 -5.36
N MET A 213 -2.15 4.77 -6.15
CA MET A 213 -3.39 4.27 -6.72
C MET A 213 -3.25 2.96 -7.50
N ALA A 214 -2.03 2.65 -7.93
CA ALA A 214 -1.81 1.49 -8.79
C ALA A 214 -1.98 0.14 -8.08
N VAL A 215 -1.77 0.13 -6.77
CA VAL A 215 -1.82 -1.12 -6.02
C VAL A 215 -3.02 -1.18 -5.07
N VAL A 216 -3.91 -0.20 -5.19
CA VAL A 216 -5.09 -0.14 -4.33
C VAL A 216 -6.04 -1.32 -4.54
N ALA A 217 -6.23 -1.71 -5.81
CA ALA A 217 -7.05 -2.88 -6.12
C ALA A 217 -6.43 -4.14 -5.53
N ALA A 218 -5.13 -4.30 -5.74
CA ALA A 218 -4.42 -5.48 -5.23
C ALA A 218 -4.55 -5.57 -3.71
N ILE A 219 -4.44 -4.43 -3.04
CA ILE A 219 -4.57 -4.40 -1.59
C ILE A 219 -5.98 -4.76 -1.15
N LEU A 220 -6.97 -4.32 -1.92
CA LEU A 220 -8.36 -4.61 -1.61
C LEU A 220 -8.71 -6.07 -1.91
N THR A 221 -7.83 -6.75 -2.64
CA THR A 221 -8.07 -8.13 -3.02
C THR A 221 -7.26 -9.12 -2.17
N SER A 222 -6.05 -8.71 -1.79
CA SER A 222 -5.14 -9.61 -1.09
C SER A 222 -4.72 -9.06 0.28
N GLY A 223 -5.11 -7.83 0.57
CA GLY A 223 -4.71 -7.17 1.81
C GLY A 223 -3.27 -6.70 1.72
N LEU A 224 -2.74 -6.22 2.84
CA LEU A 224 -1.34 -5.82 2.90
C LEU A 224 -0.44 -7.04 2.99
N ARG A 225 0.55 -7.12 2.11
CA ARG A 225 1.38 -8.30 2.01
C ARG A 225 2.86 -8.03 2.29
N ILE A 226 3.57 -9.07 2.70
CA ILE A 226 5.01 -9.00 2.83
C ILE A 226 5.62 -9.75 1.66
N MET A 227 5.87 -9.03 0.58
CA MET A 227 6.37 -9.63 -0.65
C MET A 227 7.86 -9.96 -0.57
N PRO A 228 8.30 -10.93 -1.37
CA PRO A 228 9.74 -11.17 -1.53
C PRO A 228 10.38 -9.96 -2.20
N HIS A 229 11.64 -9.68 -1.87
CA HIS A 229 12.35 -8.54 -2.44
C HIS A 229 11.86 -7.21 -1.88
N SER A 230 10.90 -7.27 -0.96
CA SER A 230 10.40 -6.05 -0.32
C SER A 230 11.31 -5.68 0.84
N GLY A 231 11.51 -4.38 1.05
CA GLY A 231 12.39 -3.91 2.10
C GLY A 231 12.05 -2.54 2.61
N GLY A 232 13.01 -1.89 3.27
CA GLY A 232 12.81 -0.58 3.84
C GLY A 232 13.77 -0.30 4.97
N ARG A 233 13.50 0.78 5.71
CA ARG A 233 14.39 1.18 6.81
C ARG A 233 14.30 0.23 7.99
N VAL A 234 13.20 -0.50 8.08
CA VAL A 234 12.98 -1.40 9.21
C VAL A 234 12.78 -2.85 8.74
N GLY A 235 13.31 -3.15 7.56
CA GLY A 235 13.35 -4.53 7.08
C GLY A 235 12.15 -4.98 6.27
N LYS A 236 11.93 -6.30 6.26
CA LYS A 236 10.95 -6.93 5.39
C LYS A 236 9.63 -7.20 6.12
N GLY A 237 8.81 -6.16 6.25
CA GLY A 237 7.51 -6.28 6.89
C GLY A 237 6.50 -5.30 6.34
N ILE A 238 5.43 -5.08 7.09
CA ILE A 238 4.37 -4.16 6.67
C ILE A 238 4.50 -2.83 7.41
N TYR A 239 4.71 -1.76 6.66
CA TYR A 239 4.96 -0.44 7.23
C TYR A 239 3.69 0.36 7.50
N PHE A 240 3.64 0.97 8.68
CA PHE A 240 2.52 1.82 9.06
C PHE A 240 3.02 3.13 9.69
N ALA A 241 2.10 4.04 9.94
CA ALA A 241 2.44 5.32 10.56
C ALA A 241 1.31 5.82 11.44
N SER A 242 1.66 6.42 12.58
CA SER A 242 0.67 7.00 13.47
C SER A 242 0.36 8.43 13.05
N GLU A 243 1.19 8.97 12.15
CA GLU A 243 0.98 10.32 11.63
C GLU A 243 0.59 10.26 10.16
N ASN A 244 -0.59 10.77 9.86
CA ASN A 244 -1.08 10.80 8.48
C ASN A 244 -0.07 11.42 7.53
N SER A 245 0.60 12.47 7.97
CA SER A 245 1.56 13.20 7.15
C SER A 245 2.67 12.28 6.65
N LYS A 246 3.09 11.36 7.51
CA LYS A 246 4.15 10.41 7.15
C LYS A 246 3.69 9.45 6.07
N SER A 247 2.45 9.00 6.17
CA SER A 247 1.88 8.06 5.21
C SER A 247 1.55 8.73 3.88
N ALA A 248 1.05 9.96 3.96
CA ALA A 248 0.66 10.73 2.79
C ALA A 248 1.83 10.92 1.82
N GLY A 249 3.04 10.88 2.35
CA GLY A 249 4.24 11.03 1.54
C GLY A 249 4.44 9.86 0.58
N TYR A 250 3.63 8.82 0.75
CA TYR A 250 3.70 7.65 -0.10
C TYR A 250 2.49 7.55 -1.03
N VAL A 251 1.54 8.45 -0.83
CA VAL A 251 0.32 8.46 -1.63
C VAL A 251 0.53 9.20 -2.95
N ILE A 252 0.74 8.44 -4.01
CA ILE A 252 0.88 9.02 -5.34
C ILE A 252 -0.46 8.97 -6.08
N GLY A 253 -1.02 10.14 -6.34
CA GLY A 253 -2.33 10.23 -6.98
C GLY A 253 -2.29 10.88 -8.35
N MET A 254 -3.42 10.86 -9.04
CA MET A 254 -3.51 11.44 -10.38
C MET A 254 -4.38 12.69 -10.38
N LYS A 255 -4.26 13.49 -11.44
CA LYS A 255 -5.06 14.69 -11.58
C LYS A 255 -6.50 14.35 -11.93
N CYS A 256 -7.42 15.25 -11.57
CA CYS A 256 -8.84 15.06 -11.90
C CYS A 256 -9.54 16.38 -12.12
N GLY A 257 -9.22 17.04 -13.23
CA GLY A 257 -9.81 18.33 -13.55
C GLY A 257 -9.11 19.48 -12.87
N ALA A 258 -8.92 19.36 -11.56
CA ALA A 258 -8.26 20.40 -10.78
C ALA A 258 -7.75 19.84 -9.45
N HIS A 259 -8.37 18.76 -8.98
CA HIS A 259 -7.98 18.15 -7.71
C HIS A 259 -6.94 17.05 -7.88
N HIS A 260 -6.34 16.65 -6.77
CA HIS A 260 -5.30 15.63 -6.79
C HIS A 260 -5.77 14.44 -5.96
N VAL A 261 -6.47 13.50 -6.60
CA VAL A 261 -7.08 12.37 -5.91
C VAL A 261 -6.07 11.34 -5.41
N GLY A 262 -6.28 10.87 -4.18
CA GLY A 262 -5.41 9.87 -3.59
C GLY A 262 -6.13 9.03 -2.54
N TYR A 263 -5.62 7.83 -2.28
CA TYR A 263 -6.27 6.92 -1.35
C TYR A 263 -5.35 6.45 -0.23
N MET A 264 -5.90 6.36 0.98
CA MET A 264 -5.14 5.90 2.13
C MET A 264 -5.91 4.84 2.91
N PHE A 265 -5.17 3.92 3.53
CA PHE A 265 -5.79 2.86 4.31
C PHE A 265 -5.59 3.07 5.81
N LEU A 266 -6.62 2.74 6.58
CA LEU A 266 -6.51 2.65 8.03
C LEU A 266 -6.61 1.19 8.44
N GLY A 267 -5.52 0.65 8.98
CA GLY A 267 -5.48 -0.75 9.34
C GLY A 267 -5.47 -0.99 10.84
N GLU A 268 -6.21 -1.99 11.27
CA GLU A 268 -6.16 -2.43 12.66
C GLU A 268 -4.96 -3.34 12.84
N VAL A 269 -3.97 -2.87 13.59
CA VAL A 269 -2.73 -3.62 13.75
C VAL A 269 -2.60 -4.17 15.16
N ALA A 270 -2.41 -5.49 15.26
CA ALA A 270 -2.14 -6.14 16.53
C ALA A 270 -0.67 -5.97 16.88
N LEU A 271 -0.37 -4.97 17.70
CA LEU A 271 1.02 -4.64 18.02
C LEU A 271 1.62 -5.56 19.08
N GLY A 272 0.82 -5.91 20.08
CA GLY A 272 1.29 -6.76 21.16
C GLY A 272 2.46 -6.15 21.88
N ARG A 273 3.50 -6.94 22.12
CA ARG A 273 4.70 -6.44 22.79
C ARG A 273 5.60 -5.74 21.78
N GLU A 274 5.85 -4.45 22.01
CA GLU A 274 6.57 -3.62 21.06
C GLU A 274 8.06 -3.54 21.35
N HIS A 275 8.87 -3.79 20.33
CA HIS A 275 10.31 -3.58 20.45
C HIS A 275 10.68 -2.25 19.82
N HIS A 276 11.15 -1.33 20.63
CA HIS A 276 11.44 0.02 20.19
C HIS A 276 12.88 0.18 19.70
N ILE A 277 13.04 0.72 18.51
CA ILE A 277 14.36 1.03 17.97
C ILE A 277 14.41 2.50 17.56
N ASN A 278 15.62 3.05 17.49
CA ASN A 278 15.81 4.42 17.05
C ASN A 278 16.82 4.54 15.93
N THR A 279 17.19 3.40 15.34
CA THR A 279 18.16 3.36 14.26
C THR A 279 17.71 2.42 13.14
N ASP A 280 17.98 2.81 11.90
CA ASP A 280 17.61 1.99 10.75
C ASP A 280 18.15 0.58 10.88
N ASN A 281 17.35 -0.40 10.48
CA ASN A 281 17.76 -1.80 10.51
C ASN A 281 17.12 -2.58 9.37
N PRO A 282 17.60 -2.35 8.14
CA PRO A 282 17.07 -2.93 6.90
C PRO A 282 17.22 -4.45 6.81
N SER A 283 17.75 -5.08 7.86
CA SER A 283 18.00 -6.52 7.84
C SER A 283 16.90 -7.29 8.57
N LEU A 284 16.08 -6.59 9.33
CA LEU A 284 15.02 -7.23 10.11
C LEU A 284 14.04 -8.00 9.22
N LYS A 285 13.68 -9.20 9.68
CA LYS A 285 12.67 -10.01 8.98
C LYS A 285 11.57 -10.39 9.97
N SER A 286 11.83 -10.10 11.25
CA SER A 286 10.88 -10.37 12.31
C SER A 286 11.35 -9.65 13.57
N PRO A 287 10.44 -9.43 14.53
CA PRO A 287 10.82 -8.80 15.80
C PRO A 287 11.76 -9.69 16.59
N PRO A 288 12.45 -9.13 17.60
CA PRO A 288 13.28 -9.95 18.50
C PRO A 288 12.38 -10.90 19.29
N PRO A 289 12.94 -12.03 19.73
CA PRO A 289 12.19 -13.03 20.50
C PRO A 289 11.39 -12.40 21.62
N GLY A 290 10.10 -12.72 21.69
CA GLY A 290 9.23 -12.18 22.72
C GLY A 290 8.44 -10.96 22.26
N PHE A 291 8.86 -10.38 21.14
CA PHE A 291 8.20 -9.19 20.61
C PHE A 291 7.36 -9.51 19.37
N ASP A 292 6.27 -8.78 19.21
CA ASP A 292 5.33 -9.03 18.13
C ASP A 292 5.41 -7.95 17.05
N SER A 293 6.05 -6.84 17.39
CA SER A 293 6.16 -5.71 16.49
C SER A 293 7.39 -4.85 16.79
N VAL A 294 7.98 -4.29 15.74
CA VAL A 294 9.09 -3.36 15.88
C VAL A 294 8.59 -1.95 15.57
N ILE A 295 8.93 -0.99 16.41
CA ILE A 295 8.49 0.38 16.21
C ILE A 295 9.64 1.37 16.13
N ALA A 296 9.76 2.05 14.99
CA ALA A 296 10.77 3.08 14.81
C ALA A 296 10.26 4.39 15.40
N ARG A 297 10.61 4.68 16.65
CA ARG A 297 10.15 5.88 17.33
C ARG A 297 10.71 7.15 16.68
N GLY A 298 9.81 8.05 16.30
CA GLY A 298 10.21 9.30 15.67
C GLY A 298 10.44 10.41 16.68
N HIS A 299 10.94 11.55 16.20
CA HIS A 299 11.17 12.69 17.08
C HIS A 299 9.88 13.18 17.70
N THR A 300 8.76 12.88 17.06
CA THR A 300 7.45 13.28 17.57
C THR A 300 6.47 12.11 17.54
N GLU A 301 5.32 12.30 18.17
CA GLU A 301 4.29 11.28 18.20
C GLU A 301 2.94 11.92 18.53
N PRO A 302 1.88 11.51 17.83
CA PRO A 302 0.55 12.00 18.18
C PRO A 302 0.33 11.85 19.68
N ASP A 303 0.05 12.97 20.34
CA ASP A 303 -0.07 13.02 21.79
C ASP A 303 -0.85 11.83 22.35
N PRO A 304 -0.13 10.89 23.01
CA PRO A 304 -0.69 9.66 23.56
C PRO A 304 -1.77 9.93 24.61
N THR A 305 -1.72 11.11 25.22
CA THR A 305 -2.70 11.47 26.24
C THR A 305 -4.05 11.81 25.61
N GLN A 306 -4.04 12.00 24.29
CA GLN A 306 -5.26 12.35 23.56
C GLN A 306 -5.84 11.16 22.80
N ASP A 307 -5.28 9.98 23.06
CA ASP A 307 -5.74 8.77 22.41
C ASP A 307 -7.19 8.45 22.76
N THR A 308 -7.92 7.94 21.79
CA THR A 308 -9.28 7.47 22.01
C THR A 308 -9.33 6.00 21.59
N GLU A 309 -10.43 5.33 21.91
CA GLU A 309 -10.56 3.92 21.56
C GLU A 309 -11.84 3.63 20.78
N LEU A 310 -11.71 2.79 19.76
CA LEU A 310 -12.86 2.36 18.97
C LEU A 310 -13.20 0.90 19.27
N GLU A 311 -14.49 0.59 19.29
CA GLU A 311 -14.92 -0.78 19.48
C GLU A 311 -15.18 -1.46 18.13
N LEU A 312 -14.19 -2.21 17.66
CA LEU A 312 -14.31 -2.93 16.40
C LEU A 312 -14.31 -4.44 16.65
N ASP A 313 -15.44 -5.07 16.36
CA ASP A 313 -15.60 -6.51 16.56
C ASP A 313 -15.28 -6.90 18.00
N GLY A 314 -15.81 -6.13 18.94
CA GLY A 314 -15.62 -6.42 20.36
C GLY A 314 -14.23 -6.10 20.88
N GLN A 315 -13.40 -5.53 20.01
CA GLN A 315 -12.03 -5.19 20.38
C GLN A 315 -11.85 -3.69 20.58
N GLN A 316 -11.12 -3.31 21.63
CA GLN A 316 -10.79 -1.91 21.84
C GLN A 316 -9.54 -1.56 21.05
N VAL A 317 -9.70 -0.70 20.05
CA VAL A 317 -8.58 -0.31 19.19
C VAL A 317 -8.20 1.14 19.43
N VAL A 318 -6.93 1.37 19.76
CA VAL A 318 -6.45 2.72 20.02
C VAL A 318 -6.39 3.54 18.74
N VAL A 319 -6.93 4.75 18.80
CA VAL A 319 -6.91 5.67 17.68
C VAL A 319 -6.43 7.03 18.14
N PRO A 320 -5.20 7.42 17.75
CA PRO A 320 -4.63 8.72 18.09
C PRO A 320 -5.57 9.86 17.71
N GLN A 321 -5.53 10.95 18.46
CA GLN A 321 -6.42 12.08 18.19
C GLN A 321 -5.72 13.42 18.35
N GLY A 322 -4.52 13.40 18.92
CA GLY A 322 -3.80 14.63 19.20
C GLY A 322 -2.68 14.93 18.21
N GLN A 323 -2.23 16.18 18.19
CA GLN A 323 -1.13 16.58 17.34
C GLN A 323 0.18 15.92 17.75
N PRO A 324 1.15 15.88 16.82
CA PRO A 324 2.48 15.36 17.16
C PRO A 324 3.14 16.20 18.23
N VAL A 325 3.66 15.56 19.27
CA VAL A 325 4.38 16.24 20.33
C VAL A 325 5.81 15.70 20.41
N PRO A 326 6.75 16.55 20.83
CA PRO A 326 8.15 16.15 20.95
C PRO A 326 8.34 14.93 21.86
N CYS A 327 9.19 14.00 21.43
CA CYS A 327 9.53 12.85 22.26
C CYS A 327 11.02 12.88 22.57
N PRO A 328 11.39 13.57 23.66
CA PRO A 328 12.78 13.78 24.07
C PRO A 328 13.56 12.47 24.17
N GLU A 329 12.90 11.38 24.55
CA GLU A 329 13.56 10.10 24.69
C GLU A 329 14.08 9.58 23.35
N PHE A 330 13.55 10.12 22.26
CA PHE A 330 13.96 9.74 20.93
C PHE A 330 14.25 10.98 20.08
N SER A 331 14.66 12.06 20.74
CA SER A 331 14.94 13.31 20.07
C SER A 331 16.07 13.20 19.05
N SER A 332 17.05 12.35 19.35
CA SER A 332 18.18 12.16 18.45
C SER A 332 18.05 10.86 17.66
N SER A 333 16.81 10.42 17.45
CA SER A 333 16.55 9.21 16.68
C SER A 333 16.83 9.46 15.19
N THR A 334 16.99 8.39 14.43
CA THR A 334 17.24 8.51 13.00
C THR A 334 15.93 8.66 12.24
N PHE A 335 14.82 8.46 12.94
CA PHE A 335 13.51 8.61 12.34
C PHE A 335 12.83 9.88 12.85
N SER A 336 12.37 10.71 11.92
CA SER A 336 11.67 11.94 12.29
C SER A 336 10.25 11.60 12.71
N GLN A 337 9.66 10.64 12.03
CA GLN A 337 8.30 10.18 12.36
C GLN A 337 8.30 8.68 12.59
N SER A 338 7.41 8.20 13.45
CA SER A 338 7.37 6.80 13.81
C SER A 338 6.94 5.89 12.67
N GLU A 339 7.62 4.75 12.55
CA GLU A 339 7.28 3.74 11.55
C GLU A 339 6.97 2.42 12.23
N TYR A 340 5.68 2.09 12.30
CA TYR A 340 5.24 0.86 12.96
C TYR A 340 5.44 -0.34 12.02
N LEU A 341 5.96 -1.44 12.58
CA LEU A 341 6.26 -2.62 11.79
C LEU A 341 5.67 -3.91 12.37
N ILE A 342 5.10 -4.73 11.50
CA ILE A 342 4.74 -6.10 11.83
C ILE A 342 5.34 -7.00 10.76
N TYR A 343 5.67 -8.24 11.13
CA TYR A 343 6.38 -9.11 10.19
C TYR A 343 5.61 -10.38 9.82
N GLN A 344 4.29 -10.36 10.05
CA GLN A 344 3.42 -11.41 9.55
C GLN A 344 2.06 -10.82 9.17
N GLU A 345 1.65 -11.06 7.93
CA GLU A 345 0.47 -10.42 7.36
C GLU A 345 -0.78 -10.57 8.23
N SER A 346 -0.85 -11.67 8.97
CA SER A 346 -2.02 -11.98 9.78
C SER A 346 -2.29 -10.96 10.89
N GLN A 347 -1.31 -10.12 11.19
CA GLN A 347 -1.44 -9.16 12.28
C GLN A 347 -2.15 -7.88 11.84
N CYS A 348 -2.43 -7.77 10.55
CA CYS A 348 -3.07 -6.57 10.02
C CYS A 348 -4.49 -6.86 9.53
N ARG A 349 -5.39 -5.93 9.80
CA ARG A 349 -6.78 -6.05 9.36
C ARG A 349 -7.23 -4.73 8.75
N LEU A 350 -7.42 -4.72 7.44
CA LEU A 350 -7.91 -3.53 6.74
C LEU A 350 -9.26 -3.11 7.32
N ARG A 351 -9.38 -1.83 7.68
CA ARG A 351 -10.59 -1.32 8.32
C ARG A 351 -11.28 -0.24 7.51
N TYR A 352 -10.52 0.75 7.04
CA TYR A 352 -11.11 1.88 6.33
C TYR A 352 -10.29 2.32 5.12
N LEU A 353 -10.99 2.79 4.10
CA LEU A 353 -10.35 3.36 2.91
C LEU A 353 -10.75 4.82 2.76
N LEU A 354 -9.76 5.70 2.74
CA LEU A 354 -10.02 7.13 2.67
C LEU A 354 -9.66 7.69 1.29
N GLU A 355 -10.53 8.57 0.78
CA GLU A 355 -10.23 9.29 -0.44
C GLU A 355 -9.94 10.75 -0.09
N VAL A 356 -8.71 11.17 -0.34
CA VAL A 356 -8.28 12.52 0.03
C VAL A 356 -8.00 13.40 -1.19
N HIS A 357 -8.15 14.70 -1.01
CA HIS A 357 -7.87 15.67 -2.06
C HIS A 357 -6.70 16.56 -1.67
#